data_6W6Q
#
_entry.id   6W6Q
#
_cell.length_a   78.499
_cell.length_b   78.499
_cell.length_c   160.560
_cell.angle_alpha   90.000
_cell.angle_beta   90.000
_cell.angle_gamma   120.000
#
_symmetry.space_group_name_H-M   'P 63 2 2'
#
loop_
_entity.id
_entity.type
_entity.pdbx_description
1 polymer 'HTLV-1 Protease'
2 non-polymer (3R,3AS,6AR)-HEXAHYDROFURO[2,3-B]FURAN-3-YL(1S,2R)-3-[[(4-AMINOPHENYL)SULFONYL](ISOBUTYL)AMINO]-1-BENZYL-2-HYDROXYPROPYLCARBAMATE
3 water water
#
_entity_poly.entity_id   1
_entity_poly.type   'polypeptide(L)'
_entity_poly.pdbx_seq_one_letter_code
;PVIPLDPARRPVIKAQVDTQTSHPKTIEALLDTGADMTVIPIALFSSNTPLKNTSVLGAGGQTQDHFKLTSLPVLIRLPF
RTTPIVLTSCLVDTKNNWAIIGRDALQQCQGVLYLP
;
_entity_poly.pdbx_strand_id   B,A
#
# COMPACT_ATOMS: atom_id res chain seq x y z
N PRO A 1 2.04 18.61 -4.50
CA PRO A 1 3.25 18.80 -3.68
C PRO A 1 4.09 17.54 -3.52
N VAL A 2 5.16 17.63 -2.71
CA VAL A 2 6.03 16.51 -2.41
C VAL A 2 5.66 16.00 -1.03
N ILE A 3 5.47 14.69 -0.89
CA ILE A 3 5.03 14.10 0.37
C ILE A 3 6.15 13.21 0.89
N PRO A 4 6.78 13.56 2.01
CA PRO A 4 7.85 12.72 2.55
C PRO A 4 7.27 11.42 3.10
N LEU A 5 8.11 10.39 3.16
CA LEU A 5 7.65 9.08 3.60
C LEU A 5 8.31 8.74 4.93
N ASP A 6 7.49 8.37 5.91
CA ASP A 6 7.97 8.11 7.26
C ASP A 6 7.20 6.95 7.86
N PRO A 7 7.88 5.91 8.34
CA PRO A 7 7.13 4.79 8.96
C PRO A 7 6.12 5.24 9.99
N ALA A 8 6.41 6.32 10.73
CA ALA A 8 5.61 6.74 11.87
C ALA A 8 4.51 7.74 11.51
N ARG A 9 4.48 8.26 10.28
CA ARG A 9 3.40 9.16 9.85
C ARG A 9 2.84 8.67 8.52
N ARG A 10 1.57 8.29 8.53
CA ARG A 10 0.92 7.80 7.32
C ARG A 10 0.72 8.95 6.33
N PRO A 11 1.08 8.79 5.07
CA PRO A 11 0.80 9.84 4.08
C PRO A 11 -0.68 9.93 3.71
N VAL A 12 -1.40 10.86 4.35
CA VAL A 12 -2.83 11.03 4.17
C VAL A 12 -3.07 12.38 3.49
N ILE A 13 -4.25 12.50 2.89
CA ILE A 13 -4.65 13.73 2.22
C ILE A 13 -6.15 13.88 2.39
N LYS A 14 -6.61 15.13 2.45
CA LYS A 14 -8.04 15.43 2.52
C LYS A 14 -8.62 15.48 1.10
N ALA A 15 -9.66 14.70 0.85
CA ALA A 15 -10.25 14.61 -0.48
C ALA A 15 -11.76 14.81 -0.38
N GLN A 16 -12.32 15.55 -1.34
CA GLN A 16 -13.76 15.64 -1.49
C GLN A 16 -14.21 14.54 -2.45
N VAL A 17 -15.07 13.65 -1.97
CA VAL A 17 -15.52 12.50 -2.73
C VAL A 17 -16.99 12.67 -3.03
N ASP A 18 -17.35 12.61 -4.31
CA ASP A 18 -18.75 12.62 -4.74
C ASP A 18 -19.09 11.26 -5.32
N THR A 19 -19.90 10.48 -4.59
CA THR A 19 -20.40 9.20 -5.05
C THR A 19 -21.57 9.31 -6.04
N GLN A 20 -22.14 10.50 -6.22
CA GLN A 20 -23.29 10.71 -7.10
C GLN A 20 -24.60 10.18 -6.51
N THR A 21 -24.64 9.93 -5.20
CA THR A 21 -25.85 9.53 -4.49
C THR A 21 -26.14 10.39 -3.26
N SER A 22 -25.18 11.17 -2.78
CA SER A 22 -25.42 12.17 -1.75
C SER A 22 -24.74 13.46 -2.19
N HIS A 23 -24.68 14.43 -1.31
CA HIS A 23 -23.82 15.55 -1.61
C HIS A 23 -22.36 15.17 -1.35
N PRO A 24 -21.41 15.84 -2.00
CA PRO A 24 -20.00 15.50 -1.79
C PRO A 24 -19.56 15.67 -0.34
N LYS A 25 -18.68 14.78 0.12
CA LYS A 25 -18.18 14.78 1.49
C LYS A 25 -16.66 14.81 1.49
N THR A 26 -16.11 15.36 2.56
CA THR A 26 -14.66 15.42 2.74
C THR A 26 -14.24 14.28 3.65
N ILE A 27 -13.20 13.55 3.24
CA ILE A 27 -12.62 12.47 4.02
C ILE A 27 -11.10 12.60 3.96
N GLU A 28 -10.42 11.84 4.81
CA GLU A 28 -8.96 11.84 4.86
C GLU A 28 -8.50 10.46 4.44
N ALA A 29 -7.83 10.38 3.28
CA ALA A 29 -7.45 9.12 2.65
C ALA A 29 -5.94 8.88 2.69
N LEU A 30 -5.55 7.60 2.80
CA LEU A 30 -4.15 7.19 2.72
C LEU A 30 -3.72 7.12 1.26
N LEU A 31 -2.53 7.67 0.95
CA LEU A 31 -2.00 7.61 -0.42
C LEU A 31 -1.19 6.32 -0.55
N ASP A 32 -1.64 5.40 -1.41
CA ASP A 32 -1.17 4.01 -1.36
C ASP A 32 -0.77 3.49 -2.74
N THR A 33 0.53 3.51 -3.03
CA THR A 33 1.07 3.01 -4.29
C THR A 33 0.97 1.48 -4.42
N GLY A 34 0.77 0.75 -3.32
CA GLY A 34 0.54 -0.68 -3.42
C GLY A 34 -0.92 -1.09 -3.63
N ALA A 35 -1.83 -0.12 -3.75
CA ALA A 35 -3.23 -0.42 -4.06
C ALA A 35 -3.53 -0.20 -5.54
N ASP A 36 -4.04 -1.24 -6.21
CA ASP A 36 -4.43 -1.12 -7.61
C ASP A 36 -5.63 -0.20 -7.77
N MET A 37 -6.57 -0.24 -6.82
CA MET A 37 -7.84 0.43 -6.99
C MET A 37 -8.17 1.18 -5.71
N THR A 38 -8.85 2.32 -5.86
CA THR A 38 -9.23 3.17 -4.74
C THR A 38 -10.32 2.52 -3.91
N VAL A 39 -10.26 2.75 -2.60
CA VAL A 39 -11.25 2.23 -1.65
C VAL A 39 -11.88 3.40 -0.90
N ILE A 40 -13.21 3.41 -0.80
CA ILE A 40 -13.85 4.47 -0.04
C ILE A 40 -14.85 3.88 0.94
N PRO A 41 -15.17 4.57 2.03
CA PRO A 41 -16.08 4.00 3.04
C PRO A 41 -17.53 4.03 2.58
N ILE A 42 -18.31 3.02 2.99
CA ILE A 42 -19.74 3.06 2.68
C ILE A 42 -20.48 4.16 3.42
N ALA A 43 -19.89 4.70 4.49
CA ALA A 43 -20.54 5.82 5.19
C ALA A 43 -20.86 6.98 4.27
N LEU A 44 -20.23 7.08 3.09
CA LEU A 44 -20.51 8.15 2.15
C LEU A 44 -21.82 7.98 1.41
N PHE A 45 -22.36 6.77 1.36
CA PHE A 45 -23.50 6.44 0.52
C PHE A 45 -24.81 6.51 1.29
N SER A 46 -25.89 6.84 0.57
CA SER A 46 -27.23 6.60 1.07
C SER A 46 -27.49 5.10 1.10
N SER A 47 -28.29 4.67 2.09
CA SER A 47 -28.49 3.25 2.32
C SER A 47 -29.23 2.54 1.20
N ASN A 48 -29.72 3.24 0.18
CA ASN A 48 -30.52 2.62 -0.87
C ASN A 48 -29.70 2.20 -2.10
N THR A 49 -28.61 2.90 -2.39
CA THR A 49 -27.96 2.75 -3.68
C THR A 49 -27.43 1.32 -3.85
N PRO A 50 -27.51 0.77 -5.07
CA PRO A 50 -27.05 -0.60 -5.29
C PRO A 50 -25.55 -0.67 -5.54
N LEU A 51 -24.98 -1.82 -5.19
CA LEU A 51 -23.57 -2.11 -5.39
C LEU A 51 -23.43 -3.53 -5.90
N LYS A 52 -22.23 -3.88 -6.36
CA LYS A 52 -21.98 -5.19 -6.96
C LYS A 52 -20.97 -5.98 -6.13
N ASN A 53 -21.15 -7.30 -6.10
CA ASN A 53 -20.20 -8.18 -5.43
C ASN A 53 -18.88 -8.21 -6.19
N THR A 54 -17.81 -8.53 -5.47
CA THR A 54 -16.48 -8.43 -6.04
C THR A 54 -15.50 -9.22 -5.19
N SER A 55 -14.24 -9.22 -5.64
CA SER A 55 -13.15 -9.90 -4.96
C SER A 55 -11.93 -8.99 -4.96
N VAL A 56 -11.09 -9.14 -3.93
CA VAL A 56 -9.82 -8.41 -3.85
C VAL A 56 -8.90 -9.05 -2.81
N LEU A 57 -7.59 -9.04 -3.10
CA LEU A 57 -6.62 -9.64 -2.21
C LEU A 57 -6.23 -8.69 -1.09
N GLY A 58 -5.75 -9.25 0.02
CA GLY A 58 -5.38 -8.48 1.20
C GLY A 58 -4.35 -9.20 2.02
N ALA A 59 -3.91 -8.54 3.11
CA ALA A 59 -2.79 -9.03 3.90
C ALA A 59 -3.09 -10.38 4.53
N GLY A 60 -4.33 -10.59 4.99
CA GLY A 60 -4.70 -11.86 5.58
C GLY A 60 -5.44 -12.77 4.62
N GLY A 61 -5.22 -12.56 3.32
CA GLY A 61 -5.93 -13.25 2.27
C GLY A 61 -6.82 -12.31 1.47
N GLN A 62 -7.71 -12.90 0.70
CA GLN A 62 -8.70 -12.17 -0.09
C GLN A 62 -10.09 -12.41 0.45
N THR A 63 -10.93 -11.40 0.34
CA THR A 63 -12.27 -11.49 0.89
C THR A 63 -13.32 -11.75 -0.18
N GLN A 64 -14.53 -12.10 0.26
CA GLN A 64 -15.64 -12.41 -0.63
C GLN A 64 -16.73 -11.34 -0.62
N ASP A 65 -17.30 -11.05 0.56
CA ASP A 65 -18.39 -10.08 0.68
C ASP A 65 -17.98 -8.81 1.43
N HIS A 66 -16.70 -8.68 1.77
CA HIS A 66 -16.25 -7.52 2.54
C HIS A 66 -16.27 -6.23 1.71
N PHE A 67 -15.76 -6.28 0.48
CA PHE A 67 -15.67 -5.12 -0.38
C PHE A 67 -16.70 -5.22 -1.50
N LYS A 68 -17.28 -4.08 -1.86
CA LYS A 68 -18.19 -4.00 -2.99
C LYS A 68 -17.68 -2.99 -4.03
N LEU A 69 -18.24 -3.07 -5.23
CA LEU A 69 -17.93 -2.14 -6.31
C LEU A 69 -19.07 -1.13 -6.50
N THR A 70 -18.70 0.08 -6.88
CA THR A 70 -19.71 1.08 -7.22
C THR A 70 -20.28 0.77 -8.59
N SER A 71 -21.54 1.14 -8.80
CA SER A 71 -22.14 1.02 -10.12
C SER A 71 -21.90 2.25 -10.98
N LEU A 72 -21.88 3.43 -10.37
CA LEU A 72 -21.61 4.66 -11.06
C LEU A 72 -20.19 5.16 -10.79
N PRO A 73 -19.62 5.94 -11.71
CA PRO A 73 -18.31 6.56 -11.44
C PRO A 73 -18.33 7.41 -10.17
N VAL A 74 -17.14 7.67 -9.66
CA VAL A 74 -16.93 8.43 -8.44
C VAL A 74 -16.00 9.58 -8.76
N LEU A 75 -16.33 10.77 -8.29
CA LEU A 75 -15.54 11.97 -8.57
C LEU A 75 -14.82 12.39 -7.32
N ILE A 76 -13.57 12.82 -7.48
CA ILE A 76 -12.70 13.11 -6.35
C ILE A 76 -11.96 14.41 -6.63
N ARG A 77 -12.10 15.39 -5.75
CA ARG A 77 -11.34 16.63 -5.85
C ARG A 77 -10.30 16.70 -4.74
N LEU A 78 -9.07 16.97 -5.12
CA LEU A 78 -7.96 17.16 -4.22
C LEU A 78 -7.70 18.65 -4.01
N PRO A 79 -7.05 19.02 -2.91
CA PRO A 79 -6.92 20.45 -2.59
C PRO A 79 -6.19 21.26 -3.65
N PHE A 80 -5.18 20.69 -4.30
CA PHE A 80 -4.40 21.46 -5.27
C PHE A 80 -5.06 21.45 -6.65
N ARG A 81 -5.18 20.28 -7.26
CA ARG A 81 -5.79 20.19 -8.59
C ARG A 81 -7.18 20.80 -8.58
N THR A 82 -7.50 21.51 -9.66
CA THR A 82 -8.81 22.14 -9.81
C THR A 82 -9.86 21.22 -10.40
N THR A 83 -9.48 20.34 -11.35
CA THR A 83 -10.39 19.39 -11.98
C THR A 83 -10.53 18.13 -11.13
N PRO A 84 -11.68 17.47 -11.21
CA PRO A 84 -11.87 16.23 -10.44
C PRO A 84 -11.29 15.00 -11.11
N ILE A 85 -10.78 14.09 -10.28
CA ILE A 85 -10.53 12.74 -10.73
C ILE A 85 -11.86 12.03 -10.91
N VAL A 86 -11.97 11.25 -11.98
CA VAL A 86 -13.19 10.52 -12.29
C VAL A 86 -12.82 9.04 -12.44
N LEU A 87 -13.23 8.22 -11.47
CA LEU A 87 -12.96 6.79 -11.51
C LEU A 87 -14.18 6.08 -12.07
N THR A 88 -13.97 5.26 -13.10
CA THR A 88 -15.09 4.51 -13.66
C THR A 88 -15.78 3.69 -12.58
N SER A 89 -15.01 3.05 -11.70
CA SER A 89 -15.54 2.42 -10.51
C SER A 89 -14.44 2.31 -9.46
N CYS A 90 -14.86 2.14 -8.21
CA CYS A 90 -13.84 1.89 -7.20
C CYS A 90 -14.49 1.05 -6.11
N LEU A 91 -13.66 0.61 -5.16
CA LEU A 91 -14.11 -0.32 -4.14
C LEU A 91 -14.79 0.42 -2.99
N VAL A 92 -15.75 -0.25 -2.35
CA VAL A 92 -16.45 0.32 -1.20
C VAL A 92 -16.21 -0.61 -0.01
N ASP A 93 -15.72 -0.04 1.10
CA ASP A 93 -15.43 -0.82 2.30
C ASP A 93 -16.65 -0.79 3.21
N THR A 94 -17.33 -1.92 3.33
CA THR A 94 -18.56 -1.98 4.13
C THR A 94 -18.31 -2.18 5.61
N LYS A 95 -17.10 -2.60 5.99
CA LYS A 95 -16.83 -2.86 7.40
C LYS A 95 -16.01 -1.75 8.06
N ASN A 96 -14.71 -1.70 7.78
CA ASN A 96 -13.82 -0.79 8.49
C ASN A 96 -13.89 0.66 8.01
N ASN A 97 -14.64 0.94 6.95
CA ASN A 97 -14.70 2.30 6.40
C ASN A 97 -13.30 2.88 6.14
N TRP A 98 -12.44 2.04 5.55
CA TRP A 98 -11.15 2.51 5.04
C TRP A 98 -11.34 3.53 3.93
N ALA A 99 -10.39 4.44 3.81
CA ALA A 99 -10.33 5.38 2.69
C ALA A 99 -8.92 5.37 2.16
N ILE A 100 -8.73 4.85 0.93
CA ILE A 100 -7.41 4.65 0.35
C ILE A 100 -7.42 5.16 -1.08
N ILE A 101 -6.43 5.98 -1.44
CA ILE A 101 -6.26 6.44 -2.81
C ILE A 101 -5.23 5.56 -3.49
N GLY A 102 -5.63 4.89 -4.58
CA GLY A 102 -4.78 3.95 -5.24
C GLY A 102 -4.22 4.46 -6.56
N ARG A 103 -3.57 3.56 -7.29
CA ARG A 103 -2.87 3.91 -8.52
C ARG A 103 -3.81 4.32 -9.65
N ASP A 104 -5.07 3.86 -9.63
CA ASP A 104 -6.05 4.39 -10.57
C ASP A 104 -6.22 5.89 -10.40
N ALA A 105 -6.28 6.38 -9.17
CA ALA A 105 -6.43 7.81 -8.96
C ALA A 105 -5.10 8.53 -9.12
N LEU A 106 -4.01 7.89 -8.71
CA LEU A 106 -2.71 8.55 -8.77
C LEU A 106 -2.22 8.71 -10.22
N GLN A 107 -2.62 7.81 -11.12
CA GLN A 107 -2.28 7.97 -12.53
C GLN A 107 -2.98 9.18 -13.14
N GLN A 108 -4.25 9.44 -12.77
CA GLN A 108 -4.97 10.59 -13.29
C GLN A 108 -4.45 11.91 -12.75
N CYS A 109 -3.77 11.92 -11.59
CA CYS A 109 -3.01 13.11 -11.21
C CYS A 109 -1.60 13.11 -11.77
N GLN A 110 -1.21 12.10 -12.54
CA GLN A 110 0.18 11.96 -12.97
C GLN A 110 1.12 11.93 -11.76
N GLY A 111 0.72 11.18 -10.73
CA GLY A 111 1.57 11.01 -9.56
C GLY A 111 2.71 10.04 -9.82
N VAL A 112 3.81 10.23 -9.09
CA VAL A 112 4.99 9.40 -9.28
C VAL A 112 5.63 9.12 -7.92
N LEU A 113 6.28 7.96 -7.84
CA LEU A 113 7.27 7.69 -6.82
C LEU A 113 8.63 8.20 -7.30
N TYR A 114 9.43 8.76 -6.39
CA TYR A 114 10.77 9.21 -6.74
C TYR A 114 11.76 8.69 -5.71
N LEU A 115 12.72 7.90 -6.16
CA LEU A 115 13.79 7.42 -5.29
C LEU A 115 15.10 8.00 -5.79
N PRO A 116 15.72 8.95 -5.06
CA PRO A 116 16.93 9.66 -5.51
C PRO A 116 18.04 8.72 -5.97
N PRO B 1 15.26 6.77 -9.30
CA PRO B 1 14.60 7.28 -10.51
C PRO B 1 13.12 7.64 -10.31
N VAL B 2 12.48 8.04 -11.39
CA VAL B 2 11.05 8.33 -11.38
C VAL B 2 10.31 7.05 -11.71
N ILE B 3 9.37 6.69 -10.85
CA ILE B 3 8.56 5.48 -11.05
C ILE B 3 7.11 5.91 -11.28
N PRO B 4 6.62 5.86 -12.52
CA PRO B 4 5.24 6.27 -12.79
C PRO B 4 4.25 5.28 -12.17
N LEU B 5 3.04 5.76 -11.92
CA LEU B 5 2.03 4.99 -11.21
C LEU B 5 0.89 4.66 -12.16
N ASP B 6 0.54 3.38 -12.24
CA ASP B 6 -0.34 2.85 -13.25
C ASP B 6 -1.11 1.72 -12.57
N PRO B 7 -2.44 1.74 -12.61
CA PRO B 7 -3.19 0.66 -11.95
C PRO B 7 -2.89 -0.72 -12.51
N ALA B 8 -2.46 -0.81 -13.77
CA ALA B 8 -2.25 -2.09 -14.42
C ALA B 8 -0.84 -2.65 -14.26
N ARG B 9 0.10 -1.87 -13.73
CA ARG B 9 1.48 -2.31 -13.57
C ARG B 9 1.93 -2.01 -12.14
N ARG B 10 2.18 -3.07 -11.37
N ARG B 10 2.18 -3.07 -11.37
CA ARG B 10 2.62 -2.89 -9.99
CA ARG B 10 2.62 -2.89 -9.98
C ARG B 10 4.00 -2.23 -9.97
C ARG B 10 4.00 -2.24 -9.97
N PRO B 11 4.23 -1.21 -9.15
CA PRO B 11 5.57 -0.61 -9.05
C PRO B 11 6.52 -1.48 -8.26
N VAL B 12 7.43 -2.16 -8.94
CA VAL B 12 8.30 -3.14 -8.29
C VAL B 12 9.75 -2.70 -8.46
N ILE B 13 10.60 -3.19 -7.56
CA ILE B 13 12.03 -2.98 -7.69
C ILE B 13 12.73 -4.31 -7.41
N LYS B 14 13.96 -4.43 -7.93
CA LYS B 14 14.85 -5.55 -7.59
C LYS B 14 15.74 -5.15 -6.42
N ALA B 15 15.72 -5.95 -5.36
CA ALA B 15 16.45 -5.62 -4.15
C ALA B 15 17.20 -6.85 -3.63
N GLN B 16 18.45 -6.63 -3.23
CA GLN B 16 19.21 -7.64 -2.52
C GLN B 16 18.89 -7.54 -1.03
N VAL B 17 18.40 -8.64 -0.45
CA VAL B 17 17.97 -8.71 0.95
C VAL B 17 18.91 -9.63 1.70
N ASP B 18 19.46 -9.15 2.82
CA ASP B 18 20.37 -9.93 3.66
C ASP B 18 19.74 -10.09 5.03
N THR B 19 19.13 -11.25 5.28
CA THR B 19 18.54 -11.61 6.58
C THR B 19 19.57 -11.86 7.69
N GLN B 20 20.85 -12.02 7.34
CA GLN B 20 21.88 -12.40 8.31
C GLN B 20 21.63 -13.79 8.91
N THR B 21 20.79 -14.60 8.29
CA THR B 21 20.63 -16.01 8.66
C THR B 21 20.86 -16.94 7.49
N SER B 22 21.27 -16.41 6.34
CA SER B 22 21.49 -17.18 5.13
C SER B 22 22.23 -16.27 4.15
N HIS B 23 22.47 -16.77 2.95
CA HIS B 23 23.21 -15.87 2.09
C HIS B 23 22.27 -14.91 1.38
N PRO B 24 22.78 -13.71 1.05
CA PRO B 24 21.91 -12.69 0.46
C PRO B 24 21.29 -13.15 -0.86
N LYS B 25 20.05 -12.71 -1.10
CA LYS B 25 19.30 -13.04 -2.31
C LYS B 25 18.69 -11.78 -2.92
N THR B 26 18.74 -11.68 -4.24
CA THR B 26 18.05 -10.62 -4.97
C THR B 26 16.64 -11.09 -5.32
N ILE B 27 15.64 -10.28 -4.96
CA ILE B 27 14.23 -10.60 -5.15
C ILE B 27 13.52 -9.39 -5.73
N GLU B 28 12.28 -9.58 -6.13
CA GLU B 28 11.46 -8.51 -6.67
C GLU B 28 10.49 -8.05 -5.60
N ALA B 29 10.50 -6.76 -5.28
CA ALA B 29 9.68 -6.26 -4.19
C ALA B 29 8.74 -5.17 -4.69
N LEU B 30 7.56 -5.10 -4.08
CA LEU B 30 6.62 -4.03 -4.39
C LEU B 30 6.96 -2.78 -3.57
N LEU B 31 6.92 -1.62 -4.22
CA LEU B 31 7.15 -0.34 -3.55
C LEU B 31 5.80 0.16 -3.02
N ASP B 32 5.63 0.18 -1.69
CA ASP B 32 4.29 0.38 -1.11
C ASP B 32 4.24 1.49 -0.05
N THR B 33 3.81 2.69 -0.46
CA THR B 33 3.71 3.81 0.50
C THR B 33 2.64 3.59 1.57
N GLY B 34 1.71 2.66 1.35
CA GLY B 34 0.73 2.34 2.36
C GLY B 34 1.17 1.31 3.39
N ALA B 35 2.42 0.88 3.38
CA ALA B 35 2.93 -0.09 4.37
C ALA B 35 3.83 0.60 5.39
N ASP B 36 3.48 0.47 6.67
CA ASP B 36 4.33 1.03 7.71
C ASP B 36 5.69 0.33 7.78
N MET B 37 5.72 -0.96 7.46
CA MET B 37 6.91 -1.76 7.71
C MET B 37 7.10 -2.75 6.58
N THR B 38 8.37 -3.02 6.27
CA THR B 38 8.77 -3.90 5.18
C THR B 38 8.46 -5.35 5.48
N VAL B 39 8.08 -6.07 4.44
CA VAL B 39 7.68 -7.47 4.54
C VAL B 39 8.63 -8.30 3.68
N ILE B 40 9.09 -9.41 4.24
CA ILE B 40 10.09 -10.27 3.62
C ILE B 40 9.58 -11.72 3.59
N PRO B 41 9.80 -12.47 2.50
CA PRO B 41 9.34 -13.86 2.47
C PRO B 41 10.15 -14.75 3.40
N ILE B 42 9.44 -15.65 4.09
CA ILE B 42 10.12 -16.55 5.01
C ILE B 42 11.17 -17.41 4.30
N ALA B 43 11.07 -17.59 2.98
CA ALA B 43 12.00 -18.42 2.22
C ALA B 43 13.43 -17.89 2.27
N LEU B 44 13.62 -16.62 2.64
CA LEU B 44 14.95 -16.04 2.66
C LEU B 44 15.68 -16.29 3.98
N PHE B 45 15.03 -16.89 4.95
CA PHE B 45 15.63 -17.15 6.25
C PHE B 45 16.06 -18.60 6.37
N SER B 46 16.85 -18.87 7.40
CA SER B 46 17.17 -20.25 7.72
C SER B 46 15.98 -20.98 8.34
N SER B 47 15.95 -22.29 8.13
CA SER B 47 14.93 -23.09 8.78
C SER B 47 15.13 -23.12 10.28
N ASN B 48 16.30 -22.70 10.79
CA ASN B 48 16.60 -22.79 12.21
C ASN B 48 16.45 -21.48 12.97
N THR B 49 16.39 -20.35 12.28
CA THR B 49 16.44 -19.06 12.93
C THR B 49 15.15 -18.81 13.71
N PRO B 50 15.26 -18.10 14.85
CA PRO B 50 14.07 -17.81 15.65
C PRO B 50 13.40 -16.52 15.21
N LEU B 51 12.07 -16.51 15.26
CA LEU B 51 11.24 -15.35 14.93
C LEU B 51 10.26 -15.11 16.08
N LYS B 52 9.64 -13.93 16.09
CA LYS B 52 8.76 -13.55 17.17
C LYS B 52 7.35 -13.28 16.64
N ASN B 53 6.36 -13.54 17.48
CA ASN B 53 4.96 -13.37 17.10
C ASN B 53 4.54 -11.90 17.24
N THR B 54 3.50 -11.53 16.48
CA THR B 54 2.95 -10.18 16.54
C THR B 54 1.80 -10.02 15.56
N SER B 55 1.24 -8.80 15.49
CA SER B 55 0.04 -8.53 14.71
C SER B 55 0.33 -7.57 13.56
N VAL B 56 -0.62 -7.47 12.64
CA VAL B 56 -0.46 -6.65 11.45
C VAL B 56 -1.85 -6.27 10.95
N LEU B 57 -1.94 -5.11 10.28
CA LEU B 57 -3.13 -4.74 9.55
C LEU B 57 -3.10 -5.32 8.14
N GLY B 58 -4.26 -5.32 7.49
CA GLY B 58 -4.34 -5.86 6.14
C GLY B 58 -5.77 -6.00 5.64
N ALA B 59 -5.95 -5.97 4.32
CA ALA B 59 -7.29 -6.01 3.73
C ALA B 59 -8.07 -7.21 4.27
N GLY B 60 -9.22 -6.93 4.90
CA GLY B 60 -10.06 -7.96 5.48
C GLY B 60 -9.88 -8.20 6.95
N GLY B 61 -9.20 -7.30 7.66
CA GLY B 61 -9.00 -7.41 9.10
C GLY B 61 -7.52 -7.44 9.44
N GLN B 62 -7.21 -8.12 10.54
CA GLN B 62 -5.84 -8.32 11.00
C GLN B 62 -5.63 -9.80 11.32
N THR B 63 -4.44 -10.29 11.03
CA THR B 63 -4.07 -11.69 11.21
C THR B 63 -3.08 -11.85 12.36
N GLN B 64 -3.19 -12.97 13.07
CA GLN B 64 -2.40 -13.22 14.27
C GLN B 64 -1.09 -13.94 13.95
N ASP B 65 -1.18 -15.14 13.38
CA ASP B 65 -0.02 -15.99 13.12
C ASP B 65 0.31 -16.12 11.64
N HIS B 66 -0.06 -15.11 10.83
CA HIS B 66 0.34 -15.06 9.43
C HIS B 66 1.71 -14.40 9.25
N PHE B 67 1.98 -13.35 10.02
CA PHE B 67 3.26 -12.65 9.97
C PHE B 67 3.99 -12.77 11.30
N LYS B 68 5.30 -12.92 11.23
CA LYS B 68 6.16 -12.88 12.39
C LYS B 68 7.08 -11.67 12.27
N LEU B 69 7.86 -11.43 13.32
CA LEU B 69 8.89 -10.40 13.32
C LEU B 69 10.28 -11.03 13.35
N THR B 70 11.26 -10.36 12.76
CA THR B 70 12.64 -10.83 12.78
C THR B 70 13.24 -10.64 14.18
N SER B 71 14.23 -11.48 14.50
CA SER B 71 15.05 -11.29 15.69
C SER B 71 16.33 -10.53 15.41
N LEU B 72 16.84 -10.60 14.18
CA LEU B 72 18.01 -9.83 13.79
C LEU B 72 17.62 -8.76 12.76
N PRO B 73 18.37 -7.65 12.70
CA PRO B 73 18.14 -6.67 11.64
C PRO B 73 18.31 -7.27 10.27
N VAL B 74 17.73 -6.59 9.28
CA VAL B 74 17.77 -6.98 7.87
C VAL B 74 18.43 -5.84 7.11
N LEU B 75 19.30 -6.18 6.17
CA LEU B 75 19.98 -5.21 5.32
C LEU B 75 19.47 -5.35 3.89
N ILE B 76 19.26 -4.22 3.24
CA ILE B 76 18.67 -4.18 1.92
C ILE B 76 19.53 -3.25 1.07
N ARG B 77 19.92 -3.72 -0.12
CA ARG B 77 20.66 -2.93 -1.07
C ARG B 77 19.84 -2.78 -2.35
N LEU B 78 19.81 -1.57 -2.87
CA LEU B 78 19.13 -1.21 -4.10
C LEU B 78 20.11 -1.16 -5.26
N PRO B 79 19.61 -1.16 -6.50
CA PRO B 79 20.51 -1.05 -7.66
C PRO B 79 21.38 0.21 -7.64
N PHE B 80 20.78 1.36 -7.37
CA PHE B 80 21.48 2.66 -7.38
C PHE B 80 22.05 3.03 -6.02
N ARG B 81 22.56 2.07 -5.26
CA ARG B 81 23.12 2.36 -3.95
C ARG B 81 23.94 1.16 -3.52
N THR B 82 25.11 1.43 -2.93
CA THR B 82 25.92 0.38 -2.33
C THR B 82 25.85 0.37 -0.82
N THR B 83 25.52 1.49 -0.19
CA THR B 83 25.30 1.52 1.24
C THR B 83 23.97 0.87 1.57
N PRO B 84 23.92 -0.07 2.50
CA PRO B 84 22.69 -0.85 2.70
C PRO B 84 21.68 -0.12 3.58
N ILE B 85 20.41 -0.28 3.23
CA ILE B 85 19.33 0.08 4.14
C ILE B 85 19.37 -0.90 5.31
N VAL B 86 19.24 -0.38 6.52
CA VAL B 86 19.31 -1.20 7.72
C VAL B 86 17.99 -1.06 8.45
N LEU B 87 17.24 -2.14 8.55
CA LEU B 87 15.97 -2.17 9.26
C LEU B 87 16.18 -2.93 10.56
N THR B 88 15.96 -2.26 11.68
CA THR B 88 16.19 -2.94 12.96
C THR B 88 15.20 -4.07 13.16
N SER B 89 14.05 -4.02 12.48
CA SER B 89 13.07 -5.08 12.56
C SER B 89 12.14 -4.97 11.36
N CYS B 90 11.67 -6.12 10.88
CA CYS B 90 10.66 -6.04 9.84
C CYS B 90 9.86 -7.35 9.85
N LEU B 91 8.75 -7.32 9.12
CA LEU B 91 7.80 -8.42 9.15
C LEU B 91 8.23 -9.56 8.21
N VAL B 92 7.80 -10.77 8.53
CA VAL B 92 8.13 -11.96 7.76
C VAL B 92 6.85 -12.65 7.33
N ASP B 93 6.74 -12.96 6.04
CA ASP B 93 5.54 -13.57 5.49
C ASP B 93 5.73 -15.09 5.45
N THR B 94 5.04 -15.80 6.32
CA THR B 94 5.16 -17.25 6.44
C THR B 94 4.32 -18.05 5.44
N LYS B 95 3.47 -17.40 4.64
CA LYS B 95 2.59 -18.13 3.73
C LYS B 95 2.58 -17.56 2.31
N ASN B 96 2.11 -16.32 2.16
CA ASN B 96 1.78 -15.78 0.84
C ASN B 96 3.00 -15.50 -0.03
N ASN B 97 4.19 -15.37 0.56
CA ASN B 97 5.41 -15.09 -0.21
C ASN B 97 5.41 -13.68 -0.80
N TRP B 98 5.05 -12.69 0.01
CA TRP B 98 5.08 -11.29 -0.41
C TRP B 98 6.43 -10.65 -0.09
N ALA B 99 6.91 -9.82 -1.02
CA ALA B 99 8.06 -8.96 -0.79
C ALA B 99 7.59 -7.53 -1.00
N ILE B 100 7.54 -6.74 0.09
CA ILE B 100 7.03 -5.38 0.05
C ILE B 100 8.04 -4.46 0.74
N ILE B 101 8.50 -3.44 0.01
CA ILE B 101 9.33 -2.38 0.56
C ILE B 101 8.42 -1.28 1.10
N GLY B 102 8.41 -1.11 2.41
CA GLY B 102 7.54 -0.15 3.07
C GLY B 102 8.25 1.14 3.44
N ARG B 103 7.54 1.95 4.24
CA ARG B 103 7.99 3.31 4.49
C ARG B 103 9.21 3.37 5.40
N ASP B 104 9.43 2.34 6.24
CA ASP B 104 10.67 2.27 6.98
C ASP B 104 11.88 2.26 6.06
N ALA B 105 11.84 1.45 4.99
CA ALA B 105 12.95 1.45 4.04
C ALA B 105 12.92 2.65 3.12
N LEU B 106 11.74 3.10 2.70
CA LEU B 106 11.69 4.26 1.80
C LEU B 106 12.20 5.53 2.48
N GLN B 107 12.05 5.65 3.80
CA GLN B 107 12.58 6.82 4.50
C GLN B 107 14.10 6.90 4.38
N GLN B 108 14.79 5.77 4.54
CA GLN B 108 16.24 5.74 4.43
C GLN B 108 16.73 5.94 2.99
N CYS B 109 15.92 5.59 1.98
CA CYS B 109 16.27 5.95 0.60
C CYS B 109 16.03 7.41 0.28
N GLN B 110 15.41 8.18 1.18
CA GLN B 110 14.96 9.55 0.88
C GLN B 110 13.87 9.57 -0.19
N GLY B 111 13.11 8.48 -0.31
CA GLY B 111 12.05 8.43 -1.32
C GLY B 111 10.88 9.32 -0.96
N VAL B 112 10.20 9.83 -1.99
CA VAL B 112 9.07 10.71 -1.79
C VAL B 112 7.96 10.39 -2.78
N LEU B 113 6.74 10.76 -2.40
CA LEU B 113 5.62 10.82 -3.34
C LEU B 113 5.51 12.23 -3.89
N TYR B 114 5.33 12.35 -5.20
CA TYR B 114 5.15 13.66 -5.85
C TYR B 114 3.83 13.68 -6.61
N LEU B 115 2.94 14.59 -6.21
CA LEU B 115 1.68 14.82 -6.92
C LEU B 115 1.73 16.20 -7.54
N PRO B 116 1.85 16.31 -8.87
CA PRO B 116 1.89 17.61 -9.58
C PRO B 116 0.73 18.55 -9.20
#